data_3FVF
#
_entry.id   3FVF
#
_cell.length_a   53.296
_cell.length_b   53.752
_cell.length_c   82.924
_cell.angle_alpha   90.00
_cell.angle_beta   90.00
_cell.angle_gamma   90.00
#
_symmetry.space_group_name_H-M   'P 21 21 21'
#
loop_
_entity.id
_entity.type
_entity.pdbx_description
1 polymer Prostasin
2 non-polymer GLYCEROL
3 non-polymer 1-[4-(hydroxymethyl)phenyl]guanidine
4 non-polymer 'DIMETHYL SULFOXIDE'
5 water water
#
_entity_poly.entity_id   1
_entity_poly.type   'polypeptide(L)'
_entity_poly.pdbx_seq_one_letter_code
;ITGGSSAVAGQWPWQVSITYEGVHVCGGSLVSEQWVLSAAHCFPSEHHKEAYEVKLGAHQLDSYSEDAKVSTLKDIIPHP
SYLQEGSQGDIALLQLSRPITFSRYIRPISLPAAQASFPNGLHCTVTGWGHVAPSVSLLTPKPLQQLEVPLISRETCNSL
YNIDAKPEEPHFVQEDMVCAGYVEGGKDACQGDSGGPLSCPVEGLWYLTGIVSWGDACGARNRPGVYTLASSYASWIQSK
VTELQPRVVPQTQESQPDSNLHHHHHHHHHH
;
_entity_poly.pdbx_strand_id   B
#
loop_
_chem_comp.id
_chem_comp.type
_chem_comp.name
_chem_comp.formula
1JZ non-polymer 1-[4-(hydroxymethyl)phenyl]guanidine 'C8 H11 N3 O'
DMS non-polymer 'DIMETHYL SULFOXIDE' 'C2 H6 O S'
GOL non-polymer GLYCEROL 'C3 H8 O3'
#
# COMPACT_ATOMS: atom_id res chain seq x y z
N ILE A 1 10.78 3.19 -0.63
CA ILE A 1 10.51 4.62 -0.83
C ILE A 1 11.79 5.30 -1.26
N THR A 2 11.76 6.00 -2.40
CA THR A 2 12.96 6.74 -2.81
C THR A 2 12.73 8.24 -2.57
N GLY A 3 13.73 8.90 -2.02
CA GLY A 3 13.70 10.36 -1.86
C GLY A 3 12.89 10.79 -0.64
N GLY A 4 12.58 9.85 0.26
CA GLY A 4 11.84 10.14 1.46
C GLY A 4 12.76 10.28 2.64
N SER A 5 12.23 10.06 3.84
CA SER A 5 13.01 10.14 5.03
C SER A 5 12.58 9.05 5.97
N SER A 6 13.39 8.78 7.00
CA SER A 6 12.95 7.78 7.99
C SER A 6 11.80 8.33 8.84
N ALA A 7 10.72 7.58 8.97
CA ALA A 7 9.73 7.92 9.97
C ALA A 7 10.29 7.65 11.35
N VAL A 8 9.63 8.11 12.42
CA VAL A 8 9.96 7.57 13.73
C VAL A 8 8.89 6.56 14.17
N ALA A 9 9.24 5.75 15.15
CA ALA A 9 8.40 4.64 15.55
C ALA A 9 7.06 5.20 15.96
N GLY A 10 6.00 4.50 15.59
CA GLY A 10 4.66 4.90 15.97
C GLY A 10 3.98 5.94 15.09
N GLN A 11 4.71 6.49 14.12
CA GLN A 11 4.16 7.56 13.32
C GLN A 11 3.06 7.11 12.36
N TRP A 12 3.20 5.91 11.84
CA TRP A 12 2.29 5.37 10.84
C TRP A 12 1.88 4.02 11.36
N PRO A 13 1.00 4.03 12.38
CA PRO A 13 0.84 2.75 13.10
C PRO A 13 -0.06 1.75 12.42
N TRP A 14 -0.62 2.13 11.26
CA TRP A 14 -1.36 1.18 10.42
C TRP A 14 -0.49 0.47 9.42
N GLN A 15 0.76 0.92 9.23
CA GLN A 15 1.65 0.30 8.23
C GLN A 15 2.05 -1.07 8.73
N VAL A 16 1.91 -2.06 7.85
CA VAL A 16 2.36 -3.41 8.20
C VAL A 16 3.32 -3.87 7.14
N SER A 17 4.17 -4.84 7.49
CA SER A 17 5.05 -5.51 6.54
C SER A 17 4.50 -6.89 6.25
N ILE A 18 4.44 -7.25 4.98
CA ILE A 18 3.96 -8.57 4.60
C ILE A 18 5.16 -9.32 4.07
N THR A 19 5.43 -10.49 4.60
CA THR A 19 6.56 -11.24 4.17
C THR A 19 6.06 -12.53 3.56
N TYR A 20 6.87 -13.11 2.70
CA TYR A 20 6.51 -14.39 2.11
C TYR A 20 7.76 -15.24 2.30
N GLU A 21 7.58 -16.41 2.93
CA GLU A 21 8.77 -17.22 3.30
C GLU A 21 9.84 -16.36 3.96
N GLY A 22 9.36 -15.48 4.83
CA GLY A 22 10.23 -14.73 5.70
C GLY A 22 10.89 -13.50 5.11
N VAL A 23 10.60 -13.18 3.85
CA VAL A 23 11.25 -12.04 3.20
C VAL A 23 10.17 -11.02 3.01
N HIS A 24 10.45 -9.78 3.43
CA HIS A 24 9.47 -8.71 3.19
C HIS A 24 9.21 -8.57 1.66
N VAL A 25 7.96 -8.60 1.26
CA VAL A 25 7.64 -8.43 -0.15
C VAL A 25 6.68 -7.27 -0.44
N CYS A 26 5.87 -6.87 0.53
CA CYS A 26 4.85 -5.87 0.27
CA CYS A 26 4.98 -5.76 0.27
C CYS A 26 4.49 -5.15 1.56
N GLY A 27 3.84 -4.00 1.43
CA GLY A 27 3.30 -3.29 2.58
C GLY A 27 1.80 -3.69 2.65
N GLY A 28 1.15 -3.25 3.70
CA GLY A 28 -0.30 -3.33 3.86
C GLY A 28 -0.69 -2.29 4.87
N SER A 29 -2.00 -2.16 5.07
CA SER A 29 -2.54 -1.22 6.04
C SER A 29 -3.54 -1.95 6.92
N LEU A 30 -3.32 -1.82 8.24
CA LEU A 30 -4.27 -2.37 9.21
C LEU A 30 -5.55 -1.58 9.15
N VAL A 31 -6.69 -2.25 9.01
CA VAL A 31 -7.95 -1.52 8.97
C VAL A 31 -8.95 -1.93 10.04
N SER A 32 -8.64 -3.01 10.77
CA SER A 32 -9.42 -3.32 12.00
C SER A 32 -8.55 -4.27 12.81
N GLU A 33 -9.12 -4.84 13.89
CA GLU A 33 -8.35 -5.73 14.73
C GLU A 33 -7.88 -6.99 13.99
N GLN A 34 -8.57 -7.37 12.92
CA GLN A 34 -8.18 -8.63 12.28
C GLN A 34 -8.00 -8.54 10.77
N TRP A 35 -8.05 -7.33 10.19
CA TRP A 35 -8.05 -7.25 8.72
C TRP A 35 -7.05 -6.19 8.26
N VAL A 36 -6.36 -6.52 7.17
CA VAL A 36 -5.35 -5.66 6.59
C VAL A 36 -5.76 -5.54 5.11
N LEU A 37 -5.54 -4.36 4.55
CA LEU A 37 -5.68 -4.14 3.11
C LEU A 37 -4.34 -4.09 2.47
N SER A 38 -4.19 -4.78 1.36
CA SER A 38 -2.95 -4.68 0.62
C SER A 38 -3.31 -4.77 -0.87
N ALA A 39 -2.36 -5.10 -1.71
CA ALA A 39 -2.60 -5.18 -3.14
C ALA A 39 -2.75 -6.62 -3.56
N ALA A 40 -3.68 -6.86 -4.47
CA ALA A 40 -3.92 -8.21 -4.95
C ALA A 40 -2.68 -8.79 -5.59
N HIS A 41 -1.92 -7.97 -6.30
CA HIS A 41 -0.76 -8.55 -6.97
C HIS A 41 0.32 -9.10 -6.02
N CYS A 42 0.28 -8.70 -4.75
CA CYS A 42 1.18 -9.24 -3.74
CA CYS A 42 1.21 -9.25 -3.78
C CYS A 42 0.91 -10.70 -3.38
N PHE A 43 -0.21 -11.27 -3.88
CA PHE A 43 -0.65 -12.61 -3.46
C PHE A 43 -0.95 -13.46 -4.69
N PRO A 44 0.09 -13.80 -5.43
CA PRO A 44 -0.14 -14.63 -6.61
C PRO A 44 -0.66 -16.01 -6.19
N SER A 45 -1.43 -16.63 -7.08
CA SER A 45 -2.11 -17.86 -6.69
C SER A 45 -1.14 -19.00 -6.37
N GLU A 46 0.07 -18.97 -6.92
CA GLU A 46 0.98 -20.08 -6.77
C GLU A 46 1.66 -20.00 -5.39
N HIS A 47 1.49 -18.88 -4.70
CA HIS A 47 2.09 -18.82 -3.37
C HIS A 47 1.19 -19.52 -2.36
N HIS A 48 1.83 -20.02 -1.32
CA HIS A 48 1.18 -20.75 -0.27
C HIS A 48 0.74 -19.82 0.89
N LYS A 49 -0.56 -19.80 1.21
CA LYS A 49 -1.06 -18.91 2.24
C LYS A 49 -0.30 -19.03 3.57
N GLU A 50 0.10 -20.25 3.95
CA GLU A 50 0.77 -20.47 5.24
CA GLU A 50 0.78 -20.56 5.19
C GLU A 50 2.17 -19.93 5.28
N ALA A 51 2.70 -19.49 4.14
CA ALA A 51 4.06 -18.94 4.13
C ALA A 51 4.10 -17.42 4.27
N TYR A 52 2.93 -16.79 4.36
CA TYR A 52 2.90 -15.35 4.60
C TYR A 52 2.91 -15.02 6.07
N GLU A 53 3.52 -13.87 6.38
CA GLU A 53 3.29 -13.29 7.69
C GLU A 53 3.08 -11.80 7.51
N VAL A 54 2.50 -11.22 8.56
CA VAL A 54 2.28 -9.78 8.66
C VAL A 54 2.91 -9.36 9.94
N LYS A 55 3.75 -8.32 9.83
CA LYS A 55 4.36 -7.77 11.03
C LYS A 55 3.75 -6.40 11.23
N LEU A 56 3.15 -6.23 12.40
CA LEU A 56 2.54 -4.95 12.81
C LEU A 56 3.36 -4.32 13.91
N GLY A 57 3.23 -3.00 14.07
CA GLY A 57 3.84 -2.33 15.20
C GLY A 57 5.36 -2.21 15.04
N ALA A 58 5.87 -2.43 13.83
CA ALA A 58 7.29 -2.41 13.52
C ALA A 58 7.74 -1.04 13.02
N HIS A 59 8.96 -0.67 13.41
CA HIS A 59 9.55 0.52 12.84
C HIS A 59 10.79 0.13 12.07
N GLN A 60 11.72 -0.52 12.74
CA GLN A 60 12.93 -1.08 12.07
C GLN A 60 12.73 -2.57 11.88
N LEU A 61 12.49 -3.00 10.64
CA LEU A 61 12.19 -4.38 10.42
C LEU A 61 13.22 -5.37 10.96
N ASP A 62 14.50 -4.97 10.96
CA ASP A 62 15.55 -5.91 11.44
C ASP A 62 15.80 -5.84 12.94
N SER A 63 15.15 -4.92 13.62
CA SER A 63 15.36 -4.75 15.05
C SER A 63 14.29 -5.47 15.86
N TYR A 64 14.68 -6.07 16.97
CA TYR A 64 13.66 -6.56 17.85
C TYR A 64 12.91 -5.39 18.50
N SER A 65 11.62 -5.59 18.68
CA SER A 65 10.79 -4.64 19.35
C SER A 65 9.75 -5.39 20.13
N GLU A 66 9.52 -4.99 21.37
CA GLU A 66 8.50 -5.64 22.16
C GLU A 66 7.13 -5.12 21.79
N ASP A 67 7.08 -4.09 20.93
CA ASP A 67 5.78 -3.55 20.53
C ASP A 67 5.27 -4.20 19.26
N ALA A 68 6.19 -4.79 18.49
CA ALA A 68 5.82 -5.44 17.23
C ALA A 68 5.16 -6.79 17.48
N LYS A 69 4.28 -7.13 16.57
CA LYS A 69 3.50 -8.35 16.61
C LYS A 69 3.55 -8.97 15.25
N VAL A 70 3.67 -10.31 15.21
CA VAL A 70 3.75 -11.01 13.92
C VAL A 70 2.63 -11.99 13.87
N SER A 71 1.92 -12.04 12.73
CA SER A 71 0.78 -12.89 12.54
C SER A 71 0.84 -13.65 11.22
N THR A 72 0.21 -14.83 11.20
CA THR A 72 -0.07 -15.47 9.91
C THR A 72 -1.47 -15.03 9.41
N LEU A 73 -1.84 -15.52 8.23
CA LEU A 73 -3.14 -15.18 7.62
C LEU A 73 -4.12 -16.36 7.63
N LYS A 74 -5.35 -16.08 8.02
CA LYS A 74 -6.49 -16.98 7.90
C LYS A 74 -7.14 -16.91 6.49
N ASP A 75 -7.10 -15.73 5.85
CA ASP A 75 -7.78 -15.59 4.58
C ASP A 75 -7.06 -14.53 3.76
N ILE A 76 -7.01 -14.76 2.45
CA ILE A 76 -6.50 -13.78 1.47
C ILE A 76 -7.59 -13.63 0.42
N ILE A 77 -8.16 -12.42 0.30
CA ILE A 77 -9.27 -12.19 -0.57
C ILE A 77 -8.96 -11.10 -1.56
N PRO A 78 -8.41 -11.48 -2.73
CA PRO A 78 -8.16 -10.43 -3.75
C PRO A 78 -9.47 -10.01 -4.36
N HIS A 79 -9.53 -8.78 -4.87
CA HIS A 79 -10.75 -8.41 -5.52
C HIS A 79 -10.92 -9.29 -6.76
N PRO A 80 -12.14 -9.75 -7.00
CA PRO A 80 -12.35 -10.69 -8.13
C PRO A 80 -12.04 -10.09 -9.48
N SER A 81 -12.04 -8.77 -9.60
CA SER A 81 -11.79 -8.17 -10.92
C SER A 81 -10.32 -8.12 -11.29
N TYR A 82 -9.44 -8.44 -10.33
CA TYR A 82 -8.01 -8.33 -10.59
C TYR A 82 -7.57 -9.41 -11.54
N LEU A 83 -7.19 -9.05 -12.75
CA LEU A 83 -6.96 -10.11 -13.72
C LEU A 83 -5.51 -10.45 -13.98
N GLN A 84 -4.65 -9.43 -13.89
CA GLN A 84 -3.28 -9.55 -14.36
C GLN A 84 -2.59 -8.23 -14.04
N GLU A 85 -1.28 -8.19 -14.26
CA GLU A 85 -0.55 -6.95 -13.99
C GLU A 85 -1.18 -5.75 -14.69
N GLY A 86 -1.42 -4.68 -13.94
CA GLY A 86 -1.94 -3.43 -14.49
C GLY A 86 -3.47 -3.27 -14.47
N SER A 87 -4.14 -4.37 -14.18
CA SER A 87 -5.60 -4.46 -14.13
CA SER A 87 -5.59 -4.36 -14.19
C SER A 87 -6.21 -3.57 -13.02
N GLN A 88 -7.46 -3.18 -13.20
CA GLN A 88 -8.23 -2.73 -12.08
C GLN A 88 -8.36 -3.85 -11.06
N GLY A 89 -8.72 -3.43 -9.85
CA GLY A 89 -8.98 -4.34 -8.77
C GLY A 89 -7.74 -4.80 -8.05
N ASP A 90 -6.65 -4.02 -8.13
CA ASP A 90 -5.43 -4.45 -7.43
C ASP A 90 -5.51 -4.11 -5.95
N ILE A 91 -6.24 -4.97 -5.24
CA ILE A 91 -6.49 -4.74 -3.82
C ILE A 91 -6.91 -6.07 -3.22
N ALA A 92 -6.44 -6.32 -1.99
CA ALA A 92 -6.82 -7.55 -1.33
C ALA A 92 -7.10 -7.33 0.11
N LEU A 93 -8.09 -8.04 0.63
CA LEU A 93 -8.34 -8.05 2.06
C LEU A 93 -7.65 -9.27 2.66
N LEU A 94 -6.95 -9.06 3.76
CA LEU A 94 -6.23 -10.14 4.41
C LEU A 94 -6.81 -10.25 5.77
N GLN A 95 -7.24 -11.45 6.18
CA GLN A 95 -7.73 -11.61 7.53
C GLN A 95 -6.61 -12.30 8.31
N LEU A 96 -6.20 -11.68 9.41
CA LEU A 96 -5.12 -12.25 10.24
C LEU A 96 -5.64 -13.51 10.89
N SER A 97 -4.75 -14.44 11.25
CA SER A 97 -5.18 -15.70 11.85
C SER A 97 -5.91 -15.45 13.18
N ARG A 98 -5.52 -14.38 13.87
CA ARG A 98 -6.12 -14.04 15.15
C ARG A 98 -6.15 -12.53 15.21
N PRO A 99 -7.11 -11.98 15.94
CA PRO A 99 -7.11 -10.52 16.09
C PRO A 99 -5.91 -10.03 16.89
N ILE A 100 -5.45 -8.83 16.55
CA ILE A 100 -4.47 -8.18 17.40
C ILE A 100 -5.13 -7.20 18.35
N THR A 101 -4.33 -6.73 19.32
CA THR A 101 -4.71 -5.68 20.22
C THR A 101 -4.08 -4.41 19.76
N PHE A 102 -4.90 -3.40 19.57
CA PHE A 102 -4.34 -2.10 19.21
C PHE A 102 -3.44 -1.57 20.36
N SER A 103 -2.43 -0.74 20.02
CA SER A 103 -1.50 -0.21 20.99
C SER A 103 -1.06 1.15 20.48
N ARG A 104 -0.11 1.75 21.18
CA ARG A 104 0.51 2.96 20.64
C ARG A 104 1.14 2.78 19.27
N TYR A 105 1.49 1.54 18.92
CA TYR A 105 2.23 1.31 17.69
C TYR A 105 1.43 0.54 16.64
N ILE A 106 0.20 0.14 16.99
CA ILE A 106 -0.60 -0.69 16.11
C ILE A 106 -2.02 -0.16 16.15
N ARG A 107 -2.43 0.48 15.05
CA ARG A 107 -3.71 1.16 15.01
C ARG A 107 -4.20 1.11 13.60
N PRO A 108 -5.51 1.04 13.42
CA PRO A 108 -6.05 0.97 12.08
C PRO A 108 -6.17 2.36 11.47
N ILE A 109 -6.19 2.37 10.14
CA ILE A 109 -6.43 3.59 9.39
C ILE A 109 -7.86 3.61 8.89
N SER A 110 -8.46 4.77 9.00
CA SER A 110 -9.82 4.98 8.55
C SER A 110 -9.92 4.81 7.04
N LEU A 111 -10.97 4.15 6.61
CA LEU A 111 -11.25 4.00 5.17
C LEU A 111 -12.19 5.05 4.67
N PRO A 112 -11.96 5.51 3.47
CA PRO A 112 -12.89 6.47 2.86
C PRO A 112 -14.15 5.82 2.36
N ALA A 113 -15.20 6.62 2.32
CA ALA A 113 -16.44 6.17 1.73
C ALA A 113 -16.30 6.14 0.22
N ALA A 114 -17.26 5.46 -0.42
CA ALA A 114 -17.27 5.26 -1.86
C ALA A 114 -17.09 6.56 -2.66
N GLN A 115 -17.67 7.67 -2.18
CA GLN A 115 -17.53 8.93 -2.93
C GLN A 115 -16.58 10.00 -2.33
N ALA A 116 -15.68 9.51 -1.50
CA ALA A 116 -14.74 10.37 -0.84
C ALA A 116 -13.85 10.99 -1.91
N SER A 117 -13.71 12.30 -1.83
CA SER A 117 -12.87 13.01 -2.81
C SER A 117 -11.59 13.45 -2.14
N PHE A 118 -10.46 13.05 -2.73
CA PHE A 118 -9.24 13.65 -2.27
C PHE A 118 -8.75 14.49 -3.40
N PRO A 119 -8.65 15.78 -3.17
CA PRO A 119 -8.41 16.65 -4.32
C PRO A 119 -7.03 16.56 -4.91
N ASN A 120 -6.96 16.89 -6.20
CA ASN A 120 -5.71 17.05 -6.84
C ASN A 120 -4.81 17.95 -6.02
N GLY A 121 -3.56 17.52 -5.88
CA GLY A 121 -2.56 18.30 -5.17
C GLY A 121 -2.49 18.13 -3.67
N LEU A 122 -3.44 17.36 -3.10
CA LEU A 122 -3.39 17.12 -1.67
C LEU A 122 -2.08 16.41 -1.35
N HIS A 123 -1.44 16.86 -0.28
CA HIS A 123 -0.15 16.27 0.10
C HIS A 123 -0.42 15.10 1.03
N CYS A 124 -0.34 13.88 0.49
CA CYS A 124 -0.50 12.69 1.29
C CYS A 124 0.88 12.11 1.51
N THR A 125 0.96 11.03 2.27
CA THR A 125 2.24 10.44 2.58
C THR A 125 2.15 8.96 2.20
N VAL A 126 3.18 8.49 1.49
CA VAL A 126 3.32 7.06 1.24
C VAL A 126 4.44 6.56 2.13
N THR A 127 4.29 5.32 2.59
CA THR A 127 5.28 4.79 3.53
C THR A 127 5.64 3.37 3.13
N GLY A 128 6.80 2.88 3.54
CA GLY A 128 7.08 1.50 3.31
C GLY A 128 8.54 1.18 3.54
N TRP A 129 8.83 -0.12 3.45
CA TRP A 129 10.22 -0.62 3.62
C TRP A 129 10.77 -1.14 2.33
N GLY A 130 10.19 -0.67 1.21
CA GLY A 130 10.65 -1.01 -0.11
C GLY A 130 11.97 -0.37 -0.46
N HIS A 131 12.38 -0.65 -1.68
CA HIS A 131 13.65 -0.14 -2.18
C HIS A 131 13.78 1.37 -2.08
N VAL A 132 15.01 1.82 -1.85
CA VAL A 132 15.24 3.26 -1.71
C VAL A 132 15.69 3.91 -3.00
N ALA A 133 15.73 3.11 -4.07
CA ALA A 133 15.95 3.56 -5.44
C ALA A 133 15.77 2.31 -6.27
N PRO A 134 15.68 2.43 -7.58
CA PRO A 134 15.47 1.21 -8.35
C PRO A 134 16.60 0.21 -8.07
N SER A 135 16.20 -0.99 -7.70
CA SER A 135 17.11 -2.12 -7.42
C SER A 135 18.06 -1.91 -6.23
N VAL A 136 17.78 -0.92 -5.37
CA VAL A 136 18.55 -0.73 -4.15
C VAL A 136 17.68 -0.93 -2.91
N SER A 137 17.96 -2.01 -2.19
CA SER A 137 17.25 -2.28 -0.92
C SER A 137 17.52 -1.27 0.17
N LEU A 138 16.48 -1.00 0.94
CA LEU A 138 16.63 -0.25 2.19
C LEU A 138 17.63 -1.03 3.08
N LEU A 139 18.58 -0.29 3.62
CA LEU A 139 19.66 -0.89 4.41
C LEU A 139 19.17 -1.25 5.81
N THR A 140 19.65 -2.38 6.32
CA THR A 140 19.45 -2.72 7.73
C THR A 140 19.82 -1.51 8.61
N PRO A 141 19.07 -1.27 9.69
CA PRO A 141 18.05 -2.13 10.27
C PRO A 141 16.67 -1.86 9.67
N LYS A 142 16.61 -1.18 8.54
CA LYS A 142 15.36 -0.95 7.79
C LYS A 142 14.28 -0.17 8.51
N PRO A 143 14.56 1.08 8.90
CA PRO A 143 13.58 1.97 9.49
C PRO A 143 12.54 2.31 8.40
N LEU A 144 11.30 2.31 8.80
CA LEU A 144 10.24 2.69 7.87
C LEU A 144 10.50 4.04 7.22
N GLN A 145 10.33 4.10 5.91
CA GLN A 145 10.50 5.34 5.17
C GLN A 145 9.14 5.96 4.91
N GLN A 146 9.16 7.29 4.82
CA GLN A 146 7.94 8.03 4.53
C GLN A 146 8.26 9.10 3.49
N LEU A 147 7.26 9.46 2.71
CA LEU A 147 7.48 10.46 1.67
C LEU A 147 6.20 11.20 1.43
N GLU A 148 6.29 12.53 1.46
CA GLU A 148 5.12 13.33 1.20
C GLU A 148 5.02 13.49 -0.32
N VAL A 149 3.83 13.25 -0.85
CA VAL A 149 3.59 13.28 -2.29
C VAL A 149 2.26 13.93 -2.55
N PRO A 150 2.19 14.85 -3.52
CA PRO A 150 0.89 15.39 -3.89
C PRO A 150 0.14 14.44 -4.78
N LEU A 151 -1.17 14.46 -4.65
CA LEU A 151 -1.99 13.65 -5.55
C LEU A 151 -2.02 14.22 -6.92
N ILE A 152 -1.91 13.32 -7.89
CA ILE A 152 -1.94 13.66 -9.31
C ILE A 152 -3.10 12.88 -9.94
N SER A 153 -3.99 13.59 -10.61
CA SER A 153 -5.17 12.93 -11.17
C SER A 153 -4.84 11.86 -12.16
N ARG A 154 -5.73 10.92 -12.32
CA ARG A 154 -5.43 9.86 -13.29
C ARG A 154 -5.27 10.40 -14.72
N GLU A 155 -5.99 11.48 -15.05
CA GLU A 155 -5.87 12.06 -16.38
C GLU A 155 -4.49 12.66 -16.61
N THR A 156 -4.00 13.46 -15.67
CA THR A 156 -2.65 13.98 -15.77
C THR A 156 -1.66 12.85 -15.80
N CYS A 157 -1.85 11.90 -14.89
CA CYS A 157 -0.95 10.76 -14.78
C CYS A 157 -0.86 9.97 -16.07
N ASN A 158 -2.00 9.75 -16.72
CA ASN A 158 -1.99 9.03 -18.01
C ASN A 158 -1.19 9.84 -19.05
N SER A 159 -1.36 11.17 -19.07
CA SER A 159 -0.56 11.97 -20.00
C SER A 159 0.96 11.90 -19.72
N LEU A 160 1.33 11.91 -18.45
CA LEU A 160 2.72 11.81 -18.10
C LEU A 160 3.30 10.45 -18.50
N TYR A 161 2.55 9.36 -18.23
CA TYR A 161 3.02 8.02 -18.58
C TYR A 161 3.14 7.85 -20.12
N ASN A 162 2.42 8.64 -20.89
CA ASN A 162 2.55 8.56 -22.33
C ASN A 162 3.86 9.15 -22.86
N ILE A 163 4.52 10.00 -22.05
CA ILE A 163 5.72 10.68 -22.54
C ILE A 163 6.91 9.73 -22.70
N ASP A 164 7.41 9.56 -23.92
CA ASP A 164 8.56 8.67 -24.14
C ASP A 164 8.22 7.27 -23.72
N ALA A 165 6.99 6.86 -23.97
CA ALA A 165 6.53 5.56 -23.52
C ALA A 165 6.91 4.45 -24.51
N LYS A 166 6.99 3.23 -24.00
CA LYS A 166 7.24 2.07 -24.88
C LYS A 166 5.88 1.73 -25.46
N PRO A 167 5.77 1.61 -26.79
CA PRO A 167 4.41 1.44 -27.29
C PRO A 167 3.82 0.12 -26.84
N GLU A 168 4.65 -0.89 -26.57
CA GLU A 168 4.11 -2.19 -26.17
C GLU A 168 3.59 -2.25 -24.74
N GLU A 169 3.72 -1.16 -24.00
CA GLU A 169 3.24 -1.12 -22.61
C GLU A 169 1.98 -0.30 -22.49
N PRO A 170 1.01 -0.81 -21.71
CA PRO A 170 -0.26 -0.08 -21.58
C PRO A 170 -0.15 1.10 -20.61
N HIS A 171 0.64 0.94 -19.56
CA HIS A 171 0.79 1.96 -18.51
C HIS A 171 -0.46 2.81 -18.32
N PHE A 172 -1.58 2.16 -18.08
CA PHE A 172 -2.84 2.89 -18.10
C PHE A 172 -3.41 3.00 -16.70
N VAL A 173 -3.56 4.24 -16.25
CA VAL A 173 -4.10 4.51 -14.94
C VAL A 173 -5.63 4.43 -15.04
N GLN A 174 -6.16 3.40 -14.42
CA GLN A 174 -7.56 3.02 -14.55
C GLN A 174 -8.44 3.93 -13.73
N GLU A 175 -9.75 3.81 -13.93
CA GLU A 175 -10.72 4.56 -13.18
C GLU A 175 -10.67 4.34 -11.65
N ASP A 176 -10.15 3.20 -11.20
CA ASP A 176 -10.02 2.92 -9.78
C ASP A 176 -8.63 3.30 -9.23
N MET A 177 -7.89 4.15 -9.96
CA MET A 177 -6.53 4.48 -9.57
C MET A 177 -6.31 6.00 -9.53
N VAL A 178 -5.32 6.40 -8.76
CA VAL A 178 -4.89 7.77 -8.74
C VAL A 178 -3.34 7.74 -8.73
N CYS A 179 -2.73 8.87 -9.01
CA CYS A 179 -1.31 8.91 -8.89
C CYS A 179 -0.89 9.85 -7.80
N ALA A 180 0.39 9.76 -7.43
CA ALA A 180 0.95 10.74 -6.48
C ALA A 180 2.44 10.77 -6.71
N GLY A 181 2.98 11.97 -6.69
CA GLY A 181 4.42 12.10 -6.88
C GLY A 181 4.69 13.40 -7.56
N TYR A 182 5.78 13.41 -8.33
CA TYR A 182 6.33 14.61 -8.92
C TYR A 182 6.63 14.38 -10.38
N VAL A 183 6.24 15.34 -11.21
CA VAL A 183 6.54 15.23 -12.62
C VAL A 183 8.04 15.06 -12.81
N GLU A 184 8.85 15.71 -11.99
CA GLU A 184 10.27 15.58 -12.23
C GLU A 184 10.85 14.36 -11.53
N GLY A 185 10.01 13.51 -10.94
CA GLY A 185 10.51 12.29 -10.31
C GLY A 185 11.36 12.57 -9.08
N GLY A 186 12.29 11.64 -8.82
CA GLY A 186 13.19 11.68 -7.67
C GLY A 186 12.59 11.20 -6.36
N LYS A 187 11.27 11.26 -6.24
CA LYS A 187 10.57 10.94 -4.98
C LYS A 187 9.40 10.04 -5.29
N ASP A 188 9.35 8.82 -4.75
CA ASP A 188 8.30 7.88 -5.18
C ASP A 188 8.35 6.64 -4.32
N ALA A 189 7.34 5.78 -4.45
CA ALA A 189 7.35 4.43 -3.85
C ALA A 189 8.04 3.45 -4.83
N CYS A 190 8.69 2.42 -4.29
CA CYS A 190 9.42 1.45 -5.09
C CYS A 190 9.00 0.04 -4.79
N GLN A 191 9.57 -0.91 -5.49
CA GLN A 191 9.33 -2.32 -5.24
C GLN A 191 9.55 -2.61 -3.73
N GLY A 192 8.60 -3.34 -3.16
CA GLY A 192 8.61 -3.59 -1.73
C GLY A 192 7.68 -2.67 -0.99
N ASP A 193 7.31 -1.54 -1.60
CA ASP A 193 6.32 -0.64 -1.00
C ASP A 193 4.91 -0.96 -1.41
N SER A 194 4.77 -1.71 -2.50
CA SER A 194 3.43 -1.95 -3.02
C SER A 194 2.56 -2.67 -2.04
N GLY A 195 1.26 -2.35 -2.06
CA GLY A 195 0.36 -2.90 -1.06
C GLY A 195 0.21 -1.97 0.13
N GLY A 196 1.17 -1.07 0.32
CA GLY A 196 1.20 -0.18 1.47
C GLY A 196 0.28 1.04 1.28
N PRO A 197 0.21 1.87 2.31
CA PRO A 197 -0.71 3.00 2.35
C PRO A 197 -0.24 4.28 1.68
N LEU A 198 -1.20 4.94 1.06
CA LEU A 198 -1.09 6.36 0.74
C LEU A 198 -2.08 6.97 1.72
N SER A 199 -1.53 7.64 2.75
CA SER A 199 -2.31 8.22 3.85
C SER A 199 -2.51 9.71 3.58
N CYS A 200 -3.77 10.12 3.55
CA CYS A 200 -4.05 11.52 3.22
C CYS A 200 -4.67 12.21 4.40
N PRO A 201 -4.34 13.50 4.62
CA PRO A 201 -4.91 14.24 5.74
C PRO A 201 -6.28 14.81 5.36
N VAL A 202 -7.25 14.71 6.23
CA VAL A 202 -8.56 15.29 5.96
C VAL A 202 -9.09 15.69 7.30
N GLU A 203 -9.39 16.97 7.49
CA GLU A 203 -10.06 17.44 8.70
C GLU A 203 -9.38 17.00 9.99
N GLY A 204 -8.06 16.98 10.01
CA GLY A 204 -7.35 16.70 11.23
C GLY A 204 -7.09 15.23 11.45
N LEU A 205 -7.62 14.41 10.54
CA LEU A 205 -7.52 12.94 10.59
C LEU A 205 -6.70 12.45 9.41
N TRP A 206 -6.52 11.12 9.34
CA TRP A 206 -5.80 10.50 8.22
C TRP A 206 -6.68 9.42 7.64
N TYR A 207 -6.75 9.35 6.33
CA TYR A 207 -7.51 8.30 5.66
C TYR A 207 -6.65 7.55 4.70
N LEU A 208 -7.01 6.27 4.47
CA LEU A 208 -6.32 5.45 3.47
C LEU A 208 -6.87 5.77 2.09
N THR A 209 -6.16 6.64 1.36
CA THR A 209 -6.72 7.11 0.11
C THR A 209 -6.36 6.12 -0.95
N GLY A 210 -5.18 5.58 -0.83
CA GLY A 210 -4.70 4.66 -1.86
C GLY A 210 -3.84 3.54 -1.32
N ILE A 211 -3.71 2.54 -2.16
CA ILE A 211 -2.87 1.38 -1.90
C ILE A 211 -1.84 1.38 -3.00
N VAL A 212 -0.57 1.37 -2.63
CA VAL A 212 0.53 1.49 -3.59
C VAL A 212 0.42 0.31 -4.57
N SER A 213 0.37 0.60 -5.85
CA SER A 213 0.09 -0.47 -6.82
C SER A 213 1.15 -0.72 -7.86
N TRP A 214 1.46 0.27 -8.71
CA TRP A 214 2.45 0.00 -9.75
C TRP A 214 3.05 1.30 -10.24
N GLY A 215 4.10 1.17 -11.05
CA GLY A 215 4.64 2.35 -11.73
C GLY A 215 5.86 1.91 -12.47
N ASP A 216 6.49 2.82 -13.17
CA ASP A 216 7.75 2.57 -13.83
CA ASP A 216 7.73 2.43 -13.80
C ASP A 216 8.85 2.60 -12.77
N ALA A 217 10.10 2.69 -13.22
CA ALA A 217 11.21 2.70 -12.29
C ALA A 217 10.99 3.85 -11.31
N CYS A 218 11.02 3.57 -10.01
CA CYS A 218 10.67 4.59 -9.02
C CYS A 218 11.58 5.76 -9.12
N GLY A 219 10.96 6.93 -9.10
CA GLY A 219 11.70 8.19 -9.16
C GLY A 219 12.05 8.63 -10.57
N ALA A 220 11.68 7.84 -11.58
CA ALA A 220 11.84 8.31 -12.97
C ALA A 220 10.95 9.53 -13.19
N ARG A 221 11.42 10.48 -14.00
CA ARG A 221 10.54 11.60 -14.38
C ARG A 221 9.28 11.10 -15.15
N ASN A 222 8.17 11.82 -14.99
CA ASN A 222 6.95 11.52 -15.74
C ASN A 222 6.40 10.14 -15.42
N ARG A 223 6.76 9.59 -14.27
CA ARG A 223 6.32 8.23 -13.88
C ARG A 223 6.01 8.20 -12.40
N PRO A 224 4.99 9.01 -11.98
CA PRO A 224 4.65 9.04 -10.56
C PRO A 224 4.04 7.69 -10.19
N GLY A 225 4.07 7.36 -8.91
CA GLY A 225 3.48 6.12 -8.51
C GLY A 225 1.98 6.05 -8.76
N VAL A 226 1.49 4.83 -9.02
CA VAL A 226 0.05 4.64 -9.24
C VAL A 226 -0.48 3.83 -8.08
N TYR A 227 -1.66 4.23 -7.61
CA TYR A 227 -2.26 3.70 -6.40
C TYR A 227 -3.68 3.27 -6.68
N THR A 228 -4.09 2.14 -6.12
CA THR A 228 -5.50 1.77 -6.18
C THR A 228 -6.27 2.65 -5.18
N LEU A 229 -7.40 3.24 -5.60
CA LEU A 229 -8.19 4.11 -4.72
C LEU A 229 -9.03 3.28 -3.78
N ALA A 230 -8.81 3.43 -2.48
CA ALA A 230 -9.62 2.72 -1.52
C ALA A 230 -11.10 3.05 -1.66
N SER A 231 -11.42 4.28 -2.03
CA SER A 231 -12.85 4.65 -2.16
C SER A 231 -13.52 3.78 -3.21
N SER A 232 -12.78 3.36 -4.23
CA SER A 232 -13.36 2.51 -5.29
C SER A 232 -13.82 1.11 -4.80
N TYR A 233 -13.31 0.75 -3.61
CA TYR A 233 -13.56 -0.58 -3.06
C TYR A 233 -14.24 -0.47 -1.70
N ALA A 234 -14.65 0.73 -1.29
CA ALA A 234 -15.23 0.94 0.04
C ALA A 234 -16.45 0.02 0.23
N SER A 235 -17.31 -0.03 -0.79
CA SER A 235 -18.52 -0.84 -0.69
C SER A 235 -18.22 -2.32 -0.55
N TRP A 236 -17.28 -2.81 -1.36
CA TRP A 236 -16.89 -4.20 -1.35
C TRP A 236 -16.21 -4.56 -0.03
N ILE A 237 -15.32 -3.68 0.45
CA ILE A 237 -14.59 -3.98 1.66
C ILE A 237 -15.64 -4.03 2.78
N GLN A 238 -16.55 -3.07 2.82
CA GLN A 238 -17.50 -3.06 3.92
C GLN A 238 -18.43 -4.28 3.85
N SER A 239 -18.89 -4.61 2.64
CA SER A 239 -19.75 -5.78 2.54
C SER A 239 -19.02 -7.04 2.98
N LYS A 240 -17.81 -7.23 2.45
CA LYS A 240 -17.03 -8.45 2.79
C LYS A 240 -16.75 -8.60 4.27
N VAL A 241 -16.23 -7.55 4.89
CA VAL A 241 -15.85 -7.68 6.31
C VAL A 241 -17.08 -7.78 7.19
N THR A 242 -18.14 -7.06 6.83
CA THR A 242 -19.37 -7.13 7.63
C THR A 242 -20.00 -8.55 7.59
N GLU A 243 -20.05 -9.17 6.41
CA GLU A 243 -20.55 -10.56 6.33
C GLU A 243 -19.63 -11.55 7.02
N LEU A 244 -18.31 -11.40 6.81
CA LEU A 244 -17.38 -12.44 7.26
C LEU A 244 -17.07 -12.33 8.73
N GLN A 245 -17.00 -11.11 9.24
CA GLN A 245 -16.63 -10.90 10.63
C GLN A 245 -17.24 -9.61 11.18
N PRO A 246 -18.58 -9.67 11.43
CA PRO A 246 -19.30 -8.54 11.96
C PRO A 246 -18.70 -8.14 13.34
N ARG A 247 -18.76 -6.86 13.64
CA ARG A 247 -18.39 -6.35 14.97
C ARG A 247 -19.55 -6.55 15.93
N VAL A 248 -19.34 -7.36 16.97
CA VAL A 248 -20.42 -7.71 17.90
C VAL A 248 -20.75 -6.56 18.84
C1 GOL B . -24.61 -3.67 -5.73
O1 GOL B . -24.03 -4.25 -4.55
C2 GOL B . -25.90 -2.87 -5.48
O2 GOL B . -26.97 -3.64 -4.92
C3 GOL B . -26.35 -2.66 -6.91
O3 GOL B . -26.09 -3.88 -7.61
C10 1JZ C . 6.67 3.64 -9.14
C12 1JZ C . 6.72 -0.88 -7.57
C8 1JZ C . 5.36 1.53 -7.58
C7 1JZ C . 4.89 0.48 -6.83
C5 1JZ C . 5.09 -1.89 -6.04
O2 1JZ C . 6.02 -2.39 -5.32
C6 1JZ C . 5.56 -0.74 -6.83
C9 1JZ C . 6.54 1.40 -8.32
C11 1JZ C . 7.21 0.21 -8.29
N3 1JZ C . 7.03 2.38 -9.13
N4 1JZ C . 6.10 4.11 -8.01
N5 1JZ C . 6.99 4.49 -10.12
S DMS D . 11.07 -0.08 -8.91
O DMS D . 9.83 1.21 -8.93
C1 DMS D . 12.48 0.52 -9.87
C2 DMS D . 11.78 -0.41 -7.30
S DMS E . -21.40 0.48 1.34
O DMS E . -23.00 0.30 0.49
C1 DMS E . -20.47 1.57 0.32
C2 DMS E . -21.79 1.53 2.76
#